data_1QMS
#
_entry.id   1QMS
#
_cell.length_a   1.000
_cell.length_b   1.000
_cell.length_c   1.000
_cell.angle_alpha   90.00
_cell.angle_beta   90.00
_cell.angle_gamma   90.00
#
_symmetry.space_group_name_H-M   'P 1'
#
loop_
_entity.id
_entity.type
_entity.pdbx_description
1 polymer "DNA (5'-D(*GP*CP*AP*CP*CP*TP*TP*CP*CP*TP*GP*C)-3')"
2 polymer "DNA (5'-D(*GP*CP*AP*GP*GP*AP*AP*GP*GP*TP*GP*C)-3')"
3 non-polymer 'CALICHEAMICIN GAMMA-1-OLIGOSACCHARIDE'
4 non-polymer N-BUTANE
#
loop_
_entity_poly.entity_id
_entity_poly.type
_entity_poly.pdbx_seq_one_letter_code
_entity_poly.pdbx_strand_id
1 'polydeoxyribonucleotide' (DG)(DC)(DA)(DC)(DC)(DT)(DT)(DC)(DC)(DT)(DG)(DC) A
2 'polydeoxyribonucleotide' (DG)(DC)(DA)(DG)(DG)(DA)(DA)(DG)(DG)(DT)(DG)(DC) B
#